data_6GI5
#
_entry.id   6GI5
#
_cell.length_a   126.612
_cell.length_b   126.612
_cell.length_c   293.711
_cell.angle_alpha   90.00
_cell.angle_beta   90.00
_cell.angle_gamma   90.00
#
_symmetry.space_group_name_H-M   'I 41 2 2'
#
loop_
_entity.id
_entity.type
_entity.pdbx_description
1 polymer 'Ferric enterobactin esterase'
2 non-polymer 'FE (III) ION'
3 non-polymer ~{N}-[2-[[(2~{S})-2-[[2,3-bis(oxidanyl)phenyl]carbonylamino]-3-[[(2~{S})-2-[[2,3-bis(oxidanyl)phenyl]carbonylamino]-3-oxidanylidene-3-(prop-2-ynylamino)propyl]amino]-3-oxidanylidene-propyl]amino]-2-oxidanylidene-ethyl]-2,3-bis(oxidanyl)benzamide
#
_entity_poly.entity_id   1
_entity_poly.type   'polypeptide(L)'
_entity_poly.pdbx_seq_one_letter_code
;GAMNPDPEATMDRSLLQRQDLPYRFSAVDLDSVDGQRHYRLWLGRPLQAPPAAGYPVVWMLDGNAAVGALDESTLRRLAD
GDAPLLVAIGYRTPLRIDRAGRTFDYTPASPGQADQRDPLNGLPSGGADAFLDLLRDGMRPAVAAQAPLDTARQTLWGHS
YGGLLVLHALFTRPGEFARYAAASPSLWWRDGAILGERAGLEQRLRGKRAELLLWRGSAEPASPRGSLKAEPGQAMARLV
DDLRRVAGLTLDFQPLDGLGHGETLGASLRLLLARPAVERQR
;
_entity_poly.pdbx_strand_id   A,B
#
loop_
_chem_comp.id
_chem_comp.type
_chem_comp.name
_chem_comp.formula
8SW non-polymer ~{N}-[2-[[(2~{S})-2-[[2,3-bis(oxidanyl)phenyl]carbonylamino]-3-[[(2~{S})-2-[[2,3-bis(oxidanyl)phenyl]carbonylamino]-3-oxidanylidene-3-(prop-2-ynylamino)propyl]amino]-3-oxidanylidene-propyl]amino]-2-oxidanylidene-ethyl]-2,3-bis(oxidanyl)benzamide 'C32 H32 N6 O12'
FE non-polymer 'FE (III) ION' 'Fe 3'
#
# COMPACT_ATOMS: atom_id res chain seq x y z
N GLU A 8 0.76 -27.63 -32.64
CA GLU A 8 0.79 -28.75 -33.62
C GLU A 8 -0.53 -28.91 -34.40
N ALA A 9 -1.65 -28.45 -33.82
CA ALA A 9 -3.00 -28.75 -34.32
C ALA A 9 -3.67 -27.50 -34.85
N THR A 10 -4.57 -27.68 -35.82
CA THR A 10 -5.34 -26.58 -36.40
C THR A 10 -6.36 -25.97 -35.43
N MET A 11 -6.73 -24.72 -35.69
CA MET A 11 -7.78 -24.06 -34.91
C MET A 11 -9.14 -24.33 -35.51
N ASP A 12 -10.18 -23.99 -34.76
CA ASP A 12 -11.55 -24.31 -35.13
C ASP A 12 -12.30 -23.09 -35.70
N ARG A 13 -12.34 -23.01 -37.03
CA ARG A 13 -12.94 -21.88 -37.75
C ARG A 13 -14.45 -22.04 -37.90
N SER A 14 -14.98 -23.23 -37.64
CA SER A 14 -16.37 -23.54 -37.97
C SER A 14 -17.27 -22.49 -37.37
N LEU A 15 -17.05 -22.20 -36.09
CA LEU A 15 -17.86 -21.24 -35.38
C LEU A 15 -17.85 -19.88 -36.05
N LEU A 16 -16.68 -19.46 -36.54
CA LEU A 16 -16.51 -18.11 -37.08
C LEU A 16 -17.54 -17.81 -38.18
N GLN A 17 -17.62 -18.70 -39.15
CA GLN A 17 -18.36 -18.42 -40.38
C GLN A 17 -19.85 -18.75 -40.22
N ARG A 18 -20.22 -19.25 -39.05
CA ARG A 18 -21.61 -19.64 -38.76
C ARG A 18 -22.51 -18.40 -38.62
N GLN A 19 -23.81 -18.58 -38.80
CA GLN A 19 -24.75 -17.44 -38.78
C GLN A 19 -25.94 -17.65 -37.84
N ASP A 20 -26.07 -18.85 -37.28
CA ASP A 20 -27.33 -19.28 -36.67
C ASP A 20 -27.32 -19.21 -35.15
N LEU A 21 -26.38 -18.44 -34.60
CA LEU A 21 -26.27 -18.24 -33.16
C LEU A 21 -26.51 -16.78 -32.83
N PRO A 22 -26.74 -16.48 -31.53
CA PRO A 22 -27.00 -15.11 -31.12
C PRO A 22 -25.72 -14.31 -30.93
N TYR A 23 -24.63 -14.75 -31.55
CA TYR A 23 -23.39 -14.00 -31.61
C TYR A 23 -22.92 -13.97 -33.05
N ARG A 24 -22.28 -12.88 -33.45
CA ARG A 24 -21.61 -12.83 -34.73
C ARG A 24 -20.17 -12.45 -34.52
N PHE A 25 -19.28 -13.11 -35.23
CA PHE A 25 -17.85 -13.01 -34.98
C PHE A 25 -17.17 -12.33 -36.16
N SER A 26 -16.28 -11.40 -35.84
CA SER A 26 -15.54 -10.66 -36.85
C SER A 26 -14.09 -10.52 -36.37
N ALA A 27 -13.18 -10.27 -37.31
CA ALA A 27 -11.76 -10.24 -36.98
C ALA A 27 -11.26 -8.78 -36.95
N VAL A 28 -10.42 -8.47 -35.99
CA VAL A 28 -9.68 -7.21 -35.98
C VAL A 28 -8.21 -7.51 -35.82
N ASP A 29 -7.42 -7.06 -36.79
CA ASP A 29 -5.98 -7.38 -36.86
C ASP A 29 -5.07 -6.26 -36.33
N LEU A 30 -4.02 -6.65 -35.59
N LEU A 30 -4.01 -6.62 -35.62
CA LEU A 30 -2.99 -5.72 -35.06
CA LEU A 30 -2.92 -5.69 -35.37
C LEU A 30 -1.63 -6.43 -35.07
C LEU A 30 -1.63 -6.42 -35.05
N ASP A 31 -0.53 -5.67 -35.09
CA ASP A 31 0.80 -6.26 -34.88
C ASP A 31 1.37 -5.80 -33.56
N SER A 32 2.35 -6.52 -33.04
CA SER A 32 3.05 -6.06 -31.86
C SER A 32 3.85 -4.82 -32.20
N VAL A 33 4.17 -4.04 -31.17
CA VAL A 33 4.89 -2.79 -31.35
C VAL A 33 6.22 -3.07 -32.03
N ASP A 34 6.89 -4.13 -31.62
CA ASP A 34 8.18 -4.48 -32.22
C ASP A 34 8.09 -5.14 -33.59
N GLY A 35 6.87 -5.37 -34.08
CA GLY A 35 6.65 -5.82 -35.45
C GLY A 35 6.86 -7.33 -35.65
N GLN A 36 7.18 -8.04 -34.58
CA GLN A 36 7.56 -9.47 -34.68
C GLN A 36 6.37 -10.42 -34.57
N ARG A 37 5.29 -9.98 -33.94
CA ARG A 37 4.17 -10.85 -33.64
C ARG A 37 2.90 -10.28 -34.21
N HIS A 38 2.04 -11.14 -34.70
CA HIS A 38 0.94 -10.72 -35.56
C HIS A 38 -0.36 -11.28 -35.01
N TYR A 39 -1.26 -10.38 -34.60
CA TYR A 39 -2.45 -10.75 -33.84
C TYR A 39 -3.71 -10.71 -34.71
N ARG A 40 -4.66 -11.56 -34.36
CA ARG A 40 -6.03 -11.44 -34.84
C ARG A 40 -6.95 -11.56 -33.65
N LEU A 41 -7.71 -10.51 -33.38
CA LEU A 41 -8.69 -10.50 -32.31
C LEU A 41 -10.02 -10.93 -32.92
N TRP A 42 -10.59 -12.00 -32.37
N TRP A 42 -10.60 -12.00 -32.37
CA TRP A 42 -11.90 -12.46 -32.82
CA TRP A 42 -11.89 -12.46 -32.81
C TRP A 42 -12.98 -11.91 -31.88
C TRP A 42 -12.98 -11.91 -31.88
N LEU A 43 -13.79 -11.01 -32.43
CA LEU A 43 -14.78 -10.29 -31.64
C LEU A 43 -16.12 -10.97 -31.81
N GLY A 44 -16.66 -11.46 -30.70
CA GLY A 44 -18.02 -12.00 -30.68
C GLY A 44 -18.99 -11.00 -30.12
N ARG A 45 -19.87 -10.51 -30.99
CA ARG A 45 -20.80 -9.47 -30.59
C ARG A 45 -22.18 -10.09 -30.49
N PRO A 46 -22.85 -9.91 -29.34
CA PRO A 46 -24.24 -10.32 -29.18
C PRO A 46 -25.15 -9.64 -30.21
N LEU A 47 -26.20 -10.34 -30.64
CA LEU A 47 -27.23 -9.73 -31.48
C LEU A 47 -27.96 -8.64 -30.67
N GLN A 48 -28.08 -8.89 -29.38
CA GLN A 48 -28.66 -7.95 -28.45
C GLN A 48 -27.96 -6.58 -28.51
N ALA A 49 -28.76 -5.52 -28.41
CA ALA A 49 -28.24 -4.16 -28.31
C ALA A 49 -27.48 -3.91 -26.99
N PRO A 50 -26.46 -3.06 -27.05
CA PRO A 50 -25.65 -2.76 -25.87
C PRO A 50 -26.44 -2.11 -24.76
N PRO A 51 -26.14 -2.46 -23.49
CA PRO A 51 -26.53 -1.63 -22.37
C PRO A 51 -26.10 -0.16 -22.54
N ALA A 52 -26.74 0.71 -21.78
CA ALA A 52 -26.50 2.14 -21.87
C ALA A 52 -25.02 2.45 -21.67
N ALA A 53 -24.40 1.74 -20.72
CA ALA A 53 -23.00 1.98 -20.40
C ALA A 53 -22.02 1.18 -21.27
N GLY A 54 -22.52 0.46 -22.29
CA GLY A 54 -21.66 -0.38 -23.15
C GLY A 54 -21.74 -1.85 -22.74
N TYR A 55 -21.29 -2.74 -23.62
CA TYR A 55 -21.21 -4.17 -23.29
C TYR A 55 -20.14 -4.40 -22.23
N PRO A 56 -20.40 -5.31 -21.28
CA PRO A 56 -19.26 -5.86 -20.55
C PRO A 56 -18.40 -6.68 -21.50
N VAL A 57 -17.11 -6.85 -21.17
CA VAL A 57 -16.18 -7.42 -22.14
C VAL A 57 -15.37 -8.54 -21.50
N VAL A 58 -15.29 -9.67 -22.17
CA VAL A 58 -14.46 -10.79 -21.73
C VAL A 58 -13.34 -11.04 -22.73
N TRP A 59 -12.11 -10.77 -22.27
CA TRP A 59 -10.89 -10.90 -23.04
C TRP A 59 -10.28 -12.28 -22.74
N MET A 60 -9.94 -13.02 -23.80
CA MET A 60 -9.39 -14.37 -23.64
C MET A 60 -8.04 -14.48 -24.34
N LEU A 61 -7.04 -14.88 -23.57
CA LEU A 61 -5.73 -15.20 -24.15
C LEU A 61 -5.78 -16.53 -24.91
N ASP A 62 -4.68 -16.88 -25.59
CA ASP A 62 -4.64 -18.07 -26.45
C ASP A 62 -5.86 -18.16 -27.34
N GLY A 63 -6.17 -17.08 -28.04
CA GLY A 63 -7.48 -16.94 -28.63
C GLY A 63 -7.80 -17.89 -29.76
N ASN A 64 -6.80 -18.32 -30.53
CA ASN A 64 -7.08 -19.35 -31.54
C ASN A 64 -7.74 -20.57 -30.90
N ALA A 65 -7.24 -20.92 -29.73
CA ALA A 65 -7.77 -22.03 -28.94
C ALA A 65 -9.10 -21.67 -28.28
N ALA A 66 -9.18 -20.45 -27.76
CA ALA A 66 -10.36 -20.05 -26.99
C ALA A 66 -11.60 -20.03 -27.87
N VAL A 67 -11.47 -19.56 -29.11
CA VAL A 67 -12.59 -19.62 -30.06
C VAL A 67 -13.07 -21.05 -30.28
N GLY A 68 -12.13 -21.99 -30.37
CA GLY A 68 -12.48 -23.42 -30.47
C GLY A 68 -13.24 -23.97 -29.28
N ALA A 69 -13.16 -23.28 -28.15
CA ALA A 69 -13.78 -23.75 -26.90
C ALA A 69 -15.10 -23.03 -26.57
N LEU A 70 -15.51 -22.11 -27.43
CA LEU A 70 -16.81 -21.48 -27.29
C LEU A 70 -17.89 -22.34 -27.93
N ASP A 71 -18.63 -23.06 -27.09
CA ASP A 71 -19.65 -23.96 -27.60
C ASP A 71 -20.97 -23.22 -27.83
N GLU A 72 -21.80 -23.80 -28.67
CA GLU A 72 -23.11 -23.25 -28.97
C GLU A 72 -24.02 -23.13 -27.74
N SER A 73 -23.94 -24.08 -26.81
CA SER A 73 -24.78 -24.05 -25.62
C SER A 73 -24.44 -22.84 -24.76
N THR A 74 -23.14 -22.67 -24.49
CA THR A 74 -22.66 -21.51 -23.76
C THR A 74 -23.09 -20.21 -24.42
N LEU A 75 -22.89 -20.11 -25.72
CA LEU A 75 -23.18 -18.87 -26.44
C LEU A 75 -24.67 -18.52 -26.41
N ARG A 76 -25.53 -19.53 -26.52
CA ARG A 76 -26.97 -19.26 -26.40
C ARG A 76 -27.37 -18.75 -25.02
N ARG A 77 -26.82 -19.31 -23.96
CA ARG A 77 -27.11 -18.89 -22.59
C ARG A 77 -26.54 -17.51 -22.23
N LEU A 78 -25.41 -17.18 -22.82
CA LEU A 78 -24.80 -15.87 -22.60
C LEU A 78 -25.73 -14.74 -23.03
N ALA A 79 -26.58 -15.00 -24.01
CA ALA A 79 -27.59 -14.03 -24.43
C ALA A 79 -28.78 -14.03 -23.47
N ASP A 80 -28.58 -13.42 -22.32
CA ASP A 80 -29.62 -13.37 -21.29
C ASP A 80 -30.17 -11.95 -21.11
N GLY A 81 -29.82 -11.06 -22.05
CA GLY A 81 -30.17 -9.65 -21.91
C GLY A 81 -29.06 -8.77 -21.38
N ASP A 82 -28.00 -9.38 -20.84
CA ASP A 82 -26.76 -8.66 -20.54
C ASP A 82 -25.53 -9.41 -21.07
N ALA A 83 -25.56 -9.70 -22.35
CA ALA A 83 -24.52 -10.51 -22.96
C ALA A 83 -23.22 -9.70 -23.03
N PRO A 84 -22.08 -10.37 -22.86
CA PRO A 84 -20.79 -9.70 -23.04
C PRO A 84 -20.31 -9.68 -24.48
N LEU A 85 -19.47 -8.71 -24.79
CA LEU A 85 -18.59 -8.79 -25.94
C LEU A 85 -17.46 -9.77 -25.63
N LEU A 86 -17.24 -10.74 -26.50
CA LEU A 86 -16.14 -11.71 -26.36
C LEU A 86 -14.98 -11.29 -27.26
N VAL A 87 -13.77 -11.22 -26.72
CA VAL A 87 -12.59 -10.84 -27.48
C VAL A 87 -11.50 -11.90 -27.29
N ALA A 88 -11.32 -12.72 -28.31
CA ALA A 88 -10.30 -13.73 -28.29
C ALA A 88 -9.04 -13.21 -28.95
N ILE A 89 -7.97 -13.10 -28.17
CA ILE A 89 -6.70 -12.55 -28.64
C ILE A 89 -5.82 -13.65 -29.23
N GLY A 90 -5.88 -13.83 -30.53
CA GLY A 90 -5.18 -14.90 -31.19
C GLY A 90 -4.04 -14.42 -32.04
N TYR A 91 -3.37 -15.36 -32.68
CA TYR A 91 -2.23 -15.03 -33.49
C TYR A 91 -2.57 -15.40 -34.93
N ARG A 92 -2.07 -14.60 -35.86
CA ARG A 92 -2.33 -14.86 -37.28
C ARG A 92 -1.59 -16.10 -37.76
N THR A 93 -2.27 -17.22 -37.69
CA THR A 93 -1.68 -18.50 -38.02
C THR A 93 -2.83 -19.51 -38.12
N PRO A 94 -2.69 -20.55 -38.95
CA PRO A 94 -3.72 -21.59 -38.89
C PRO A 94 -3.83 -22.24 -37.51
N LEU A 95 -2.71 -22.32 -36.78
CA LEU A 95 -2.59 -23.23 -35.64
C LEU A 95 -3.56 -22.87 -34.51
N ARG A 96 -3.91 -23.84 -33.68
CA ARG A 96 -4.65 -23.60 -32.43
C ARG A 96 -3.81 -22.80 -31.43
N ILE A 97 -2.50 -23.02 -31.48
CA ILE A 97 -1.58 -22.46 -30.51
C ILE A 97 -0.31 -21.93 -31.20
N ASP A 98 0.14 -20.78 -30.73
CA ASP A 98 1.32 -20.13 -31.27
C ASP A 98 2.42 -20.18 -30.24
N ARG A 99 3.33 -21.13 -30.37
CA ARG A 99 4.25 -21.43 -29.27
C ARG A 99 5.11 -20.20 -28.96
N ALA A 100 5.73 -19.64 -30.00
CA ALA A 100 6.73 -18.60 -29.83
C ALA A 100 6.10 -17.34 -29.28
N GLY A 101 5.05 -16.89 -29.97
CA GLY A 101 4.31 -15.70 -29.59
C GLY A 101 3.83 -15.72 -28.17
N ARG A 102 3.17 -16.82 -27.81
CA ARG A 102 2.56 -16.92 -26.50
C ARG A 102 3.61 -17.03 -25.41
N THR A 103 4.71 -17.73 -25.69
CA THR A 103 5.79 -17.83 -24.73
C THR A 103 6.33 -16.45 -24.39
N PHE A 104 6.49 -15.60 -25.40
CA PHE A 104 7.01 -14.26 -25.18
C PHE A 104 5.96 -13.35 -24.52
N ASP A 105 4.74 -13.38 -25.05
CA ASP A 105 3.74 -12.41 -24.60
C ASP A 105 3.24 -12.66 -23.16
N TYR A 106 3.24 -13.90 -22.70
CA TYR A 106 2.52 -14.21 -21.46
C TYR A 106 3.43 -14.42 -20.29
N THR A 107 4.76 -14.32 -20.51
CA THR A 107 5.71 -14.49 -19.39
C THR A 107 6.30 -13.16 -18.96
N PRO A 108 6.39 -12.94 -17.63
CA PRO A 108 7.00 -11.73 -17.12
C PRO A 108 8.50 -11.73 -17.36
N ALA A 109 9.09 -10.55 -17.26
CA ALA A 109 10.54 -10.43 -17.32
C ALA A 109 11.14 -10.97 -16.01
N SER A 110 12.31 -11.60 -16.11
CA SER A 110 13.06 -12.01 -14.94
C SER A 110 14.27 -11.09 -14.92
N PRO A 111 14.23 -10.05 -14.09
CA PRO A 111 15.18 -8.98 -14.21
C PRO A 111 16.60 -9.45 -14.56
N GLY A 112 17.07 -10.51 -13.89
CA GLY A 112 18.48 -10.89 -13.97
C GLY A 112 19.01 -11.20 -15.36
N GLN A 113 18.11 -11.65 -16.24
CA GLN A 113 18.47 -12.43 -17.43
C GLN A 113 18.61 -11.51 -18.64
N ALA A 114 19.51 -11.89 -19.56
CA ALA A 114 19.85 -11.02 -20.68
C ALA A 114 19.06 -11.42 -21.90
N ASP A 115 19.40 -12.57 -22.46
CA ASP A 115 18.51 -13.26 -23.37
C ASP A 115 17.65 -14.05 -22.45
N GLN A 116 16.36 -13.74 -22.48
CA GLN A 116 15.43 -14.32 -21.53
C GLN A 116 14.69 -15.39 -22.25
N ARG A 117 14.82 -16.60 -21.72
CA ARG A 117 14.39 -17.76 -22.45
C ARG A 117 13.59 -18.68 -21.55
N ASP A 118 12.53 -19.22 -22.12
CA ASP A 118 11.62 -20.10 -21.42
C ASP A 118 12.36 -21.34 -20.91
N PRO A 119 12.25 -21.62 -19.61
CA PRO A 119 12.90 -22.76 -19.01
C PRO A 119 12.31 -24.10 -19.50
N LEU A 120 11.22 -24.02 -20.26
CA LEU A 120 10.56 -25.21 -20.79
C LEU A 120 11.05 -25.49 -22.23
N ASN A 121 10.83 -24.53 -23.13
CA ASN A 121 11.08 -24.72 -24.56
C ASN A 121 12.17 -23.81 -25.11
N GLY A 122 12.76 -22.96 -24.27
CA GLY A 122 13.97 -22.21 -24.65
C GLY A 122 13.72 -21.02 -25.57
N LEU A 123 12.46 -20.76 -25.89
CA LEU A 123 12.08 -19.62 -26.72
C LEU A 123 12.18 -18.31 -25.93
N PRO A 124 12.27 -17.17 -26.61
CA PRO A 124 12.38 -15.91 -25.90
C PRO A 124 11.17 -15.65 -25.04
N SER A 125 11.35 -15.11 -23.84
CA SER A 125 10.26 -14.88 -22.92
C SER A 125 10.42 -13.49 -22.33
N GLY A 126 9.46 -13.05 -21.50
CA GLY A 126 9.57 -11.76 -20.83
C GLY A 126 8.81 -10.60 -21.42
N GLY A 127 7.85 -10.88 -22.30
CA GLY A 127 7.07 -9.84 -22.97
C GLY A 127 5.75 -9.46 -22.33
N ALA A 128 5.51 -9.94 -21.12
CA ALA A 128 4.21 -9.70 -20.45
C ALA A 128 3.78 -8.26 -20.41
N ASP A 129 4.68 -7.37 -20.01
CA ASP A 129 4.30 -5.99 -19.83
C ASP A 129 4.06 -5.30 -21.17
N ALA A 130 4.86 -5.64 -22.17
CA ALA A 130 4.65 -5.12 -23.53
C ALA A 130 3.31 -5.59 -24.10
N PHE A 131 2.94 -6.82 -23.78
CA PHE A 131 1.66 -7.38 -24.21
C PHE A 131 0.49 -6.66 -23.53
N LEU A 132 0.57 -6.50 -22.22
CA LEU A 132 -0.48 -5.81 -21.47
C LEU A 132 -0.58 -4.35 -21.88
N ASP A 133 0.56 -3.74 -22.21
CA ASP A 133 0.57 -2.37 -22.74
C ASP A 133 -0.13 -2.29 -24.11
N LEU A 134 0.08 -3.30 -24.95
CA LEU A 134 -0.54 -3.32 -26.27
C LEU A 134 -2.04 -3.56 -26.14
N LEU A 135 -2.44 -4.38 -25.19
CA LEU A 135 -3.86 -4.54 -24.91
C LEU A 135 -4.50 -3.17 -24.60
N ARG A 136 -3.88 -2.43 -23.69
CA ARG A 136 -4.40 -1.12 -23.27
C ARG A 136 -4.35 -0.06 -24.37
N ASP A 137 -3.24 -0.01 -25.10
CA ASP A 137 -2.90 1.13 -25.95
C ASP A 137 -3.22 0.91 -27.41
N GLY A 138 -3.48 -0.33 -27.79
CA GLY A 138 -3.79 -0.67 -29.18
C GLY A 138 -5.02 -1.57 -29.36
N MET A 139 -5.14 -2.62 -28.56
CA MET A 139 -6.26 -3.55 -28.71
C MET A 139 -7.59 -2.93 -28.29
N ARG A 140 -7.64 -2.39 -27.08
CA ARG A 140 -8.88 -1.80 -26.57
C ARG A 140 -9.35 -0.64 -27.45
N PRO A 141 -8.41 0.22 -27.89
CA PRO A 141 -8.81 1.25 -28.85
C PRO A 141 -9.50 0.70 -30.11
N ALA A 142 -8.99 -0.39 -30.64
CA ALA A 142 -9.53 -0.98 -31.86
C ALA A 142 -10.88 -1.65 -31.60
N VAL A 143 -10.98 -2.34 -30.48
CA VAL A 143 -12.21 -3.05 -30.13
C VAL A 143 -13.34 -2.06 -29.83
N ALA A 144 -13.00 -1.01 -29.11
CA ALA A 144 -13.97 0.00 -28.73
C ALA A 144 -14.59 0.67 -29.94
N ALA A 145 -13.83 0.78 -31.03
CA ALA A 145 -14.30 1.40 -32.26
C ALA A 145 -15.36 0.55 -32.96
N GLN A 146 -15.35 -0.75 -32.67
CA GLN A 146 -16.27 -1.71 -33.29
C GLN A 146 -17.56 -1.86 -32.47
N ALA A 147 -17.46 -1.73 -31.15
CA ALA A 147 -18.63 -1.85 -30.30
C ALA A 147 -18.48 -1.08 -28.98
N PRO A 148 -19.59 -0.56 -28.44
CA PRO A 148 -19.47 0.20 -27.20
C PRO A 148 -19.11 -0.68 -26.01
N LEU A 149 -18.07 -0.31 -25.28
CA LEU A 149 -17.56 -1.10 -24.13
C LEU A 149 -17.89 -0.43 -22.83
N ASP A 150 -18.16 -1.25 -21.83
CA ASP A 150 -18.25 -0.78 -20.46
C ASP A 150 -16.92 -1.07 -19.79
N THR A 151 -16.05 -0.09 -19.73
CA THR A 151 -14.68 -0.39 -19.34
C THR A 151 -14.56 -0.74 -17.84
N ALA A 152 -15.62 -0.50 -17.07
CA ALA A 152 -15.67 -0.93 -15.66
C ALA A 152 -16.11 -2.38 -15.47
N ARG A 153 -16.46 -3.08 -16.56
CA ARG A 153 -16.97 -4.45 -16.47
C ARG A 153 -16.20 -5.39 -17.40
N GLN A 154 -14.89 -5.43 -17.20
CA GLN A 154 -13.98 -6.16 -18.07
C GLN A 154 -13.41 -7.37 -17.34
N THR A 155 -13.32 -8.48 -18.05
CA THR A 155 -12.75 -9.73 -17.54
C THR A 155 -11.53 -10.12 -18.39
N LEU A 156 -10.47 -10.60 -17.74
CA LEU A 156 -9.31 -11.11 -18.45
C LEU A 156 -9.08 -12.56 -18.03
N TRP A 157 -9.09 -13.46 -19.03
CA TRP A 157 -8.90 -14.89 -18.80
C TRP A 157 -7.69 -15.41 -19.53
N GLY A 158 -7.05 -16.40 -18.91
CA GLY A 158 -5.94 -17.09 -19.52
C GLY A 158 -5.70 -18.44 -18.87
N HIS A 159 -5.06 -19.32 -19.64
CA HIS A 159 -4.76 -20.67 -19.22
C HIS A 159 -3.25 -20.92 -19.25
N SER A 160 -2.70 -21.54 -18.20
CA SER A 160 -1.30 -21.97 -18.22
C SER A 160 -0.38 -20.74 -18.18
N TYR A 161 0.45 -20.55 -19.20
CA TYR A 161 1.22 -19.30 -19.29
C TYR A 161 0.29 -18.10 -19.40
N GLY A 162 -0.87 -18.28 -20.02
CA GLY A 162 -1.88 -17.23 -20.02
C GLY A 162 -2.37 -16.90 -18.63
N GLY A 163 -2.53 -17.92 -17.78
CA GLY A 163 -2.85 -17.70 -16.38
C GLY A 163 -1.76 -16.98 -15.61
N LEU A 164 -0.52 -17.33 -15.92
CA LEU A 164 0.63 -16.61 -15.36
C LEU A 164 0.55 -15.13 -15.71
N LEU A 165 0.24 -14.82 -16.96
N LEU A 165 0.24 -14.82 -16.96
CA LEU A 165 0.04 -13.45 -17.41
CA LEU A 165 0.05 -13.45 -17.39
C LEU A 165 -1.04 -12.78 -16.57
C LEU A 165 -1.03 -12.77 -16.56
N VAL A 166 -2.19 -13.41 -16.46
CA VAL A 166 -3.30 -12.87 -15.71
C VAL A 166 -2.89 -12.53 -14.27
N LEU A 167 -2.16 -13.44 -13.61
CA LEU A 167 -1.68 -13.16 -12.27
C LEU A 167 -0.69 -11.98 -12.27
N HIS A 168 0.17 -11.90 -13.28
CA HIS A 168 1.07 -10.76 -13.40
C HIS A 168 0.29 -9.44 -13.52
N ALA A 169 -0.79 -9.47 -14.29
CA ALA A 169 -1.61 -8.28 -14.43
C ALA A 169 -2.27 -7.88 -13.12
N LEU A 170 -2.88 -8.83 -12.44
CA LEU A 170 -3.49 -8.52 -11.15
C LEU A 170 -2.43 -8.07 -10.15
N PHE A 171 -1.32 -8.78 -10.06
CA PHE A 171 -0.37 -8.53 -8.99
C PHE A 171 0.36 -7.19 -9.18
N THR A 172 0.67 -6.84 -10.43
CA THR A 172 1.50 -5.67 -10.71
C THR A 172 0.74 -4.43 -11.20
N ARG A 173 -0.44 -4.64 -11.77
CA ARG A 173 -1.24 -3.55 -12.33
C ARG A 173 -2.73 -3.76 -12.09
N PRO A 174 -3.12 -3.99 -10.83
CA PRO A 174 -4.52 -4.30 -10.51
C PRO A 174 -5.44 -3.18 -10.84
N GLY A 175 -6.65 -3.52 -11.32
CA GLY A 175 -7.72 -2.58 -11.55
C GLY A 175 -8.00 -2.27 -13.00
N GLU A 176 -7.10 -2.67 -13.89
CA GLU A 176 -7.33 -2.62 -15.33
C GLU A 176 -8.59 -3.45 -15.67
N PHE A 177 -8.76 -4.57 -14.97
CA PHE A 177 -9.91 -5.44 -15.15
C PHE A 177 -10.66 -5.61 -13.85
N ALA A 178 -11.97 -5.83 -13.96
CA ALA A 178 -12.81 -6.07 -12.81
C ALA A 178 -12.70 -7.52 -12.31
N ARG A 179 -12.54 -8.45 -13.26
CA ARG A 179 -12.45 -9.86 -12.96
C ARG A 179 -11.26 -10.47 -13.69
N TYR A 180 -10.42 -11.16 -12.95
CA TYR A 180 -9.22 -11.82 -13.46
C TYR A 180 -9.43 -13.33 -13.30
N ALA A 181 -9.18 -14.09 -14.35
CA ALA A 181 -9.57 -15.50 -14.39
C ALA A 181 -8.39 -16.31 -14.91
N ALA A 182 -7.78 -17.06 -14.00
CA ALA A 182 -6.53 -17.75 -14.29
C ALA A 182 -6.72 -19.24 -14.11
N ALA A 183 -6.65 -19.97 -15.21
CA ALA A 183 -6.88 -21.41 -15.20
C ALA A 183 -5.55 -22.12 -15.28
N SER A 184 -5.29 -22.99 -14.32
CA SER A 184 -4.05 -23.77 -14.29
C SER A 184 -2.86 -22.86 -14.53
N PRO A 185 -2.80 -21.74 -13.80
CA PRO A 185 -1.69 -20.82 -13.98
C PRO A 185 -0.40 -21.53 -13.66
N SER A 186 0.63 -21.28 -14.46
CA SER A 186 1.88 -21.99 -14.34
C SER A 186 2.71 -21.47 -13.16
N LEU A 187 2.26 -21.76 -11.94
CA LEU A 187 2.88 -21.22 -10.74
C LEU A 187 4.31 -21.69 -10.59
N TRP A 188 4.60 -22.87 -11.15
CA TRP A 188 5.94 -23.48 -11.12
C TRP A 188 7.01 -22.65 -11.85
N TRP A 189 6.59 -21.73 -12.71
CA TRP A 189 7.49 -21.02 -13.62
C TRP A 189 8.62 -20.33 -12.86
N ARG A 190 9.84 -20.58 -13.28
CA ARG A 190 11.02 -20.01 -12.61
C ARG A 190 11.01 -20.23 -11.11
N ASP A 191 10.74 -21.47 -10.71
CA ASP A 191 10.67 -21.84 -9.30
C ASP A 191 9.77 -20.93 -8.49
N GLY A 192 8.60 -20.60 -9.04
CA GLY A 192 7.61 -19.84 -8.30
C GLY A 192 7.84 -18.34 -8.32
N ALA A 193 8.52 -17.84 -9.32
CA ALA A 193 8.85 -16.40 -9.39
C ALA A 193 7.61 -15.51 -9.33
N ILE A 194 6.51 -15.96 -9.89
CA ILE A 194 5.28 -15.15 -9.90
C ILE A 194 4.82 -14.84 -8.48
N LEU A 195 5.09 -15.76 -7.55
CA LEU A 195 4.63 -15.62 -6.17
C LEU A 195 5.25 -14.42 -5.51
N GLY A 196 6.46 -14.03 -5.90
CA GLY A 196 7.12 -12.85 -5.36
C GLY A 196 6.49 -11.53 -5.80
N GLU A 197 5.90 -11.53 -6.98
CA GLU A 197 5.25 -10.34 -7.49
C GLU A 197 3.99 -9.95 -6.70
N ARG A 198 3.45 -10.87 -5.93
CA ARG A 198 2.26 -10.62 -5.14
C ARG A 198 2.54 -9.73 -3.95
N ALA A 199 3.80 -9.63 -3.52
CA ALA A 199 4.11 -8.79 -2.36
C ALA A 199 3.73 -7.34 -2.65
N GLY A 200 2.96 -6.74 -1.75
CA GLY A 200 2.49 -5.35 -1.91
C GLY A 200 1.14 -5.22 -2.60
N LEU A 201 0.54 -6.34 -2.98
CA LEU A 201 -0.75 -6.30 -3.67
C LEU A 201 -1.83 -5.49 -2.93
N GLU A 202 -1.97 -5.72 -1.63
CA GLU A 202 -3.06 -5.07 -0.88
C GLU A 202 -2.93 -3.55 -1.00
N GLN A 203 -1.70 -3.07 -0.90
CA GLN A 203 -1.40 -1.65 -1.08
C GLN A 203 -1.77 -1.16 -2.49
N ARG A 204 -1.38 -1.91 -3.51
CA ARG A 204 -1.67 -1.52 -4.89
C ARG A 204 -3.16 -1.58 -5.22
N LEU A 205 -3.91 -2.37 -4.46
CA LEU A 205 -5.35 -2.50 -4.65
C LEU A 205 -6.17 -1.45 -3.93
N ARG A 206 -5.52 -0.61 -3.13
CA ARG A 206 -6.21 0.39 -2.33
C ARG A 206 -7.13 1.19 -3.21
N GLY A 207 -8.39 1.32 -2.80
CA GLY A 207 -9.37 2.10 -3.54
C GLY A 207 -9.93 1.40 -4.76
N LYS A 208 -9.56 0.13 -4.94
CA LYS A 208 -10.14 -0.70 -6.02
C LYS A 208 -10.72 -1.98 -5.43
N ARG A 209 -11.73 -2.54 -6.13
CA ARG A 209 -12.22 -3.89 -5.86
C ARG A 209 -12.08 -4.79 -7.09
N ALA A 210 -11.67 -6.02 -6.87
CA ALA A 210 -11.31 -6.92 -7.96
C ALA A 210 -11.66 -8.35 -7.57
N GLU A 211 -11.95 -9.15 -8.59
CA GLU A 211 -12.34 -10.54 -8.38
C GLU A 211 -11.31 -11.42 -9.08
N LEU A 212 -10.89 -12.49 -8.42
CA LEU A 212 -9.97 -13.44 -9.00
C LEU A 212 -10.58 -14.82 -8.95
N LEU A 213 -10.66 -15.45 -10.13
CA LEU A 213 -11.12 -16.81 -10.26
C LEU A 213 -9.91 -17.68 -10.61
N LEU A 214 -9.77 -18.80 -9.90
CA LEU A 214 -8.69 -19.74 -10.13
C LEU A 214 -9.26 -21.13 -10.37
N TRP A 215 -8.63 -21.88 -11.28
CA TRP A 215 -8.95 -23.27 -11.51
C TRP A 215 -7.66 -24.09 -11.51
N ARG A 216 -7.79 -25.36 -11.18
CA ARG A 216 -6.70 -26.31 -11.37
C ARG A 216 -7.32 -27.70 -11.44
N GLY A 217 -6.78 -28.55 -12.31
CA GLY A 217 -7.30 -29.90 -12.47
C GLY A 217 -6.71 -30.87 -11.46
N SER A 218 -7.55 -31.80 -10.99
CA SER A 218 -7.13 -32.79 -10.01
C SER A 218 -5.98 -33.66 -10.49
N ALA A 219 -5.88 -33.82 -11.82
CA ALA A 219 -4.90 -34.73 -12.41
C ALA A 219 -3.62 -34.04 -12.87
N GLU A 220 -3.49 -32.74 -12.59
CA GLU A 220 -2.29 -31.99 -12.99
C GLU A 220 -1.11 -32.30 -12.10
N PRO A 221 0.07 -32.45 -12.72
CA PRO A 221 1.30 -32.50 -11.94
C PRO A 221 1.67 -31.14 -11.36
N ALA A 222 2.64 -31.11 -10.45
CA ALA A 222 3.13 -29.85 -9.88
C ALA A 222 3.84 -28.98 -10.91
N SER A 223 4.44 -29.64 -11.89
CA SER A 223 5.07 -28.98 -13.03
C SER A 223 5.28 -30.02 -14.13
N PRO A 224 5.59 -29.56 -15.34
CA PRO A 224 5.76 -30.51 -16.44
C PRO A 224 7.01 -31.37 -16.31
N ARG A 225 8.00 -30.89 -15.56
CA ARG A 225 9.15 -31.72 -15.17
C ARG A 225 9.67 -31.30 -13.79
N GLU A 231 5.08 -31.25 -5.41
CA GLU A 231 3.97 -31.79 -4.61
C GLU A 231 2.62 -31.20 -5.05
N PRO A 232 1.87 -31.91 -5.92
CA PRO A 232 0.79 -31.30 -6.70
C PRO A 232 -0.25 -30.57 -5.87
N GLY A 233 -0.47 -29.30 -6.21
CA GLY A 233 -1.55 -28.53 -5.62
C GLY A 233 -1.11 -27.67 -4.46
N GLN A 234 0.09 -27.92 -3.95
CA GLN A 234 0.59 -27.23 -2.77
C GLN A 234 0.73 -25.74 -3.03
N ALA A 235 1.39 -25.41 -4.14
CA ALA A 235 1.63 -24.02 -4.52
C ALA A 235 0.33 -23.24 -4.62
N MET A 236 -0.64 -23.87 -5.31
CA MET A 236 -1.95 -23.25 -5.48
C MET A 236 -2.64 -23.06 -4.14
N ALA A 237 -2.59 -24.09 -3.30
CA ALA A 237 -3.25 -24.02 -2.00
C ALA A 237 -2.68 -22.87 -1.17
N ARG A 238 -1.36 -22.72 -1.18
CA ARG A 238 -0.70 -21.65 -0.43
C ARG A 238 -1.06 -20.27 -1.00
N LEU A 239 -1.12 -20.18 -2.33
CA LEU A 239 -1.49 -18.91 -2.98
C LEU A 239 -2.92 -18.50 -2.61
N VAL A 240 -3.83 -19.48 -2.68
CA VAL A 240 -5.22 -19.24 -2.33
C VAL A 240 -5.35 -18.76 -0.88
N ASP A 241 -4.69 -19.46 0.04
CA ASP A 241 -4.72 -19.09 1.45
C ASP A 241 -4.27 -17.65 1.66
N ASP A 242 -3.19 -17.27 0.96
CA ASP A 242 -2.63 -15.90 1.04
C ASP A 242 -3.61 -14.84 0.52
N LEU A 243 -4.06 -15.03 -0.71
CA LEU A 243 -4.97 -14.08 -1.35
C LEU A 243 -6.33 -13.91 -0.66
N ARG A 244 -6.76 -14.95 0.07
CA ARG A 244 -8.02 -14.90 0.81
C ARG A 244 -8.01 -13.78 1.83
N ARG A 245 -6.81 -13.36 2.22
CA ARG A 245 -6.65 -12.39 3.30
C ARG A 245 -6.66 -10.95 2.80
N VAL A 246 -6.72 -10.76 1.49
CA VAL A 246 -6.47 -9.46 0.89
C VAL A 246 -7.75 -8.64 0.81
N ALA A 247 -7.75 -7.51 1.50
CA ALA A 247 -8.89 -6.60 1.47
C ALA A 247 -9.11 -6.05 0.07
N GLY A 248 -10.35 -6.09 -0.39
CA GLY A 248 -10.68 -5.59 -1.72
C GLY A 248 -10.73 -6.69 -2.77
N LEU A 249 -10.20 -7.87 -2.44
CA LEU A 249 -10.08 -8.95 -3.42
C LEU A 249 -11.04 -10.10 -3.09
N THR A 250 -11.93 -10.42 -4.03
CA THR A 250 -12.84 -11.56 -3.89
C THR A 250 -12.24 -12.73 -4.65
N LEU A 251 -12.11 -13.86 -3.98
CA LEU A 251 -11.35 -14.97 -4.54
C LEU A 251 -12.24 -16.19 -4.63
N ASP A 252 -12.22 -16.88 -5.78
CA ASP A 252 -13.01 -18.10 -5.97
C ASP A 252 -12.12 -19.14 -6.62
N PHE A 253 -11.70 -20.14 -5.84
CA PHE A 253 -10.92 -21.25 -6.34
C PHE A 253 -11.84 -22.43 -6.61
N GLN A 254 -11.74 -22.99 -7.81
CA GLN A 254 -12.56 -24.10 -8.25
C GLN A 254 -11.65 -25.24 -8.73
N PRO A 255 -11.50 -26.29 -7.92
CA PRO A 255 -10.78 -27.45 -8.39
C PRO A 255 -11.63 -28.28 -9.35
N LEU A 256 -10.99 -28.83 -10.38
CA LEU A 256 -11.70 -29.51 -11.47
C LEU A 256 -11.39 -31.00 -11.44
N ASP A 257 -12.25 -31.75 -10.75
CA ASP A 257 -12.11 -33.19 -10.63
C ASP A 257 -12.11 -33.85 -11.99
N GLY A 258 -11.04 -34.59 -12.23
CA GLY A 258 -10.98 -35.50 -13.35
C GLY A 258 -10.29 -34.91 -14.57
N LEU A 259 -9.76 -33.70 -14.43
CA LEU A 259 -9.05 -33.00 -15.52
C LEU A 259 -7.52 -32.90 -15.30
N GLY A 260 -6.78 -33.05 -16.40
CA GLY A 260 -5.38 -32.67 -16.43
C GLY A 260 -5.19 -31.33 -17.12
N HIS A 261 -3.92 -30.98 -17.35
CA HIS A 261 -3.53 -29.62 -17.67
C HIS A 261 -4.24 -29.06 -18.91
N GLY A 262 -4.15 -29.80 -20.00
CA GLY A 262 -4.72 -29.30 -21.25
C GLY A 262 -6.23 -29.07 -21.17
N GLU A 263 -6.89 -29.93 -20.41
CA GLU A 263 -8.35 -29.96 -20.42
C GLU A 263 -8.97 -28.84 -19.60
N THR A 264 -8.17 -28.21 -18.73
CA THR A 264 -8.71 -27.13 -17.88
C THR A 264 -8.94 -25.86 -18.67
N LEU A 265 -8.34 -25.75 -19.85
CA LEU A 265 -8.56 -24.57 -20.69
C LEU A 265 -10.02 -24.41 -21.07
N GLY A 266 -10.56 -25.42 -21.75
CA GLY A 266 -11.95 -25.39 -22.14
C GLY A 266 -12.91 -25.38 -20.96
N ALA A 267 -12.58 -26.14 -19.93
CA ALA A 267 -13.45 -26.27 -18.77
C ALA A 267 -13.58 -24.95 -18.06
N SER A 268 -12.45 -24.29 -17.84
CA SER A 268 -12.47 -23.02 -17.15
C SER A 268 -13.21 -21.96 -17.94
N LEU A 269 -13.04 -21.97 -19.25
CA LEU A 269 -13.73 -20.99 -20.08
C LEU A 269 -15.25 -21.19 -20.08
N ARG A 270 -15.68 -22.44 -20.21
CA ARG A 270 -17.11 -22.72 -20.15
C ARG A 270 -17.70 -22.32 -18.80
N LEU A 271 -16.97 -22.62 -17.73
CA LEU A 271 -17.45 -22.31 -16.39
C LEU A 271 -17.43 -20.82 -16.11
N LEU A 272 -16.40 -20.14 -16.57
CA LEU A 272 -16.34 -18.69 -16.46
C LEU A 272 -17.56 -18.04 -17.11
N LEU A 273 -17.85 -18.46 -18.33
CA LEU A 273 -18.91 -17.83 -19.11
C LEU A 273 -20.31 -18.17 -18.58
N ALA A 274 -20.38 -19.22 -17.75
CA ALA A 274 -21.62 -19.54 -17.05
C ALA A 274 -21.84 -18.75 -15.74
N ARG A 275 -20.79 -18.08 -15.25
CA ARG A 275 -20.90 -17.29 -14.03
C ARG A 275 -21.81 -16.09 -14.27
N PRO A 276 -22.40 -15.54 -13.20
CA PRO A 276 -22.94 -14.18 -13.22
C PRO A 276 -21.99 -13.18 -13.84
N ALA A 277 -22.50 -12.29 -14.69
CA ALA A 277 -21.65 -11.28 -15.30
C ALA A 277 -21.13 -10.33 -14.23
N VAL A 278 -19.95 -9.77 -14.46
CA VAL A 278 -19.42 -8.77 -13.56
C VAL A 278 -20.42 -7.65 -13.36
N GLU A 279 -20.55 -7.20 -12.11
CA GLU A 279 -21.30 -5.99 -11.77
C GLU A 279 -21.22 -4.92 -12.87
N ASP B 6 5.15 -2.81 29.70
CA ASP B 6 3.83 -2.89 30.43
C ASP B 6 3.49 -1.57 31.13
N PRO B 7 2.28 -1.50 31.74
CA PRO B 7 1.87 -0.29 32.48
C PRO B 7 2.56 -0.06 33.84
N GLU B 8 3.50 -0.91 34.22
CA GLU B 8 4.32 -0.67 35.41
C GLU B 8 5.82 -0.69 35.12
N ALA B 9 6.22 -0.28 33.91
CA ALA B 9 7.60 -0.46 33.44
C ALA B 9 8.46 0.77 33.72
N THR B 10 9.62 0.56 34.33
CA THR B 10 10.47 1.65 34.77
C THR B 10 11.19 2.27 33.58
N MET B 11 11.64 3.51 33.75
CA MET B 11 12.36 4.22 32.70
C MET B 11 13.84 3.93 32.81
N ASP B 12 14.56 4.23 31.73
CA ASP B 12 15.97 3.86 31.63
C ASP B 12 16.90 5.07 31.79
N ARG B 13 17.42 5.26 33.00
CA ARG B 13 18.32 6.39 33.27
C ARG B 13 19.79 6.09 32.94
N SER B 14 20.10 4.84 32.59
CA SER B 14 21.50 4.35 32.62
C SER B 14 22.40 5.29 31.84
N LEU B 15 22.00 5.54 30.60
CA LEU B 15 22.75 6.35 29.68
C LEU B 15 23.03 7.73 30.26
N LEU B 16 22.01 8.30 30.90
CA LEU B 16 22.02 9.69 31.31
C LEU B 16 23.17 9.98 32.26
N GLN B 17 23.45 9.07 33.19
CA GLN B 17 24.42 9.31 34.25
C GLN B 17 25.86 9.38 33.74
N ARG B 18 26.07 9.05 32.47
CA ARG B 18 27.42 8.83 31.96
C ARG B 18 28.17 10.14 31.73
N GLN B 19 29.50 10.07 31.65
CA GLN B 19 30.33 11.25 31.43
C GLN B 19 31.19 11.22 30.15
N ASP B 20 31.24 10.06 29.48
CA ASP B 20 32.24 9.80 28.45
C ASP B 20 31.64 9.84 27.04
N LEU B 21 30.51 10.52 26.88
CA LEU B 21 29.86 10.64 25.59
C LEU B 21 29.90 12.09 25.13
N PRO B 22 29.59 12.33 23.86
CA PRO B 22 29.59 13.70 23.36
C PRO B 22 28.30 14.44 23.65
N TYR B 23 27.51 13.94 24.60
CA TYR B 23 26.33 14.63 25.13
C TYR B 23 26.35 14.60 26.64
N ARG B 24 25.88 15.68 27.24
CA ARG B 24 25.62 15.76 28.67
C ARG B 24 24.11 15.96 28.89
N PHE B 25 23.57 15.27 29.88
CA PHE B 25 22.16 15.32 30.16
C PHE B 25 21.89 16.05 31.47
N SER B 26 20.83 16.85 31.48
CA SER B 26 20.44 17.60 32.66
C SER B 26 18.90 17.63 32.72
N ALA B 27 18.34 17.89 33.90
CA ALA B 27 16.89 17.94 34.03
C ALA B 27 16.43 19.37 34.29
N VAL B 28 15.29 19.72 33.72
CA VAL B 28 14.59 20.94 34.06
C VAL B 28 13.16 20.60 34.38
N ASP B 29 12.74 20.93 35.61
CA ASP B 29 11.42 20.57 36.13
C ASP B 29 10.40 21.71 36.00
N LEU B 30 9.17 21.37 35.65
CA LEU B 30 8.05 22.32 35.51
C LEU B 30 6.81 21.62 36.02
N ASP B 31 5.83 22.35 36.51
CA ASP B 31 4.49 21.78 36.71
C ASP B 31 3.54 22.38 35.70
N SER B 32 2.42 21.72 35.46
CA SER B 32 1.38 22.31 34.62
C SER B 32 0.78 23.50 35.34
N VAL B 33 0.18 24.40 34.57
CA VAL B 33 -0.39 25.62 35.15
C VAL B 33 -1.43 25.26 36.21
N ASP B 34 -2.23 24.24 35.92
CA ASP B 34 -3.28 23.81 36.84
C ASP B 34 -2.75 23.00 38.03
N GLY B 35 -1.44 22.73 38.05
CA GLY B 35 -0.78 22.11 39.21
C GLY B 35 -0.96 20.60 39.33
N GLN B 36 -1.64 20.01 38.35
CA GLN B 36 -2.01 18.58 38.41
C GLN B 36 -0.94 17.65 37.84
N ARG B 37 -0.12 18.17 36.93
CA ARG B 37 0.82 17.32 36.21
C ARG B 37 2.23 17.84 36.41
N HIS B 38 3.18 16.92 36.49
CA HIS B 38 4.50 17.23 37.01
C HIS B 38 5.56 16.76 36.01
N TYR B 39 6.15 17.72 35.32
CA TYR B 39 7.03 17.45 34.18
C TYR B 39 8.50 17.43 34.58
N ARG B 40 9.27 16.62 33.87
CA ARG B 40 10.70 16.71 33.86
C ARG B 40 11.18 16.71 32.43
N LEU B 41 11.81 17.81 32.01
CA LEU B 41 12.42 17.91 30.68
C LEU B 41 13.87 17.44 30.79
N TRP B 42 14.21 16.41 30.04
N TRP B 42 14.19 16.35 30.12
CA TRP B 42 15.57 15.92 30.00
CA TRP B 42 15.59 15.97 30.03
C TRP B 42 16.32 16.51 28.80
C TRP B 42 16.21 16.64 28.83
N LEU B 43 17.30 17.36 29.10
CA LEU B 43 18.00 18.13 28.09
C LEU B 43 19.30 17.43 27.74
N GLY B 44 19.43 17.01 26.49
CA GLY B 44 20.68 16.47 25.97
C GLY B 44 21.42 17.55 25.22
N ARG B 45 22.53 18.01 25.79
CA ARG B 45 23.28 19.08 25.16
C ARG B 45 24.55 18.51 24.60
N PRO B 46 24.81 18.72 23.30
CA PRO B 46 26.12 18.37 22.70
C PRO B 46 27.27 19.04 23.40
N LEU B 47 28.40 18.35 23.53
CA LEU B 47 29.65 18.99 23.95
C LEU B 47 30.08 20.05 22.96
N GLN B 48 29.71 19.84 21.70
CA GLN B 48 29.98 20.81 20.65
C GLN B 48 29.38 22.18 21.00
N ALA B 49 30.11 23.24 20.68
CA ALA B 49 29.60 24.57 20.85
C ALA B 49 28.42 24.88 19.92
N PRO B 50 27.50 25.72 20.39
CA PRO B 50 26.36 26.07 19.58
C PRO B 50 26.77 26.81 18.31
N PRO B 51 26.08 26.55 17.20
CA PRO B 51 26.02 27.50 16.11
C PRO B 51 25.74 28.93 16.55
N ALA B 52 26.11 29.89 15.72
CA ALA B 52 25.91 31.29 16.07
C ALA B 52 24.42 31.56 16.29
N ALA B 53 23.58 30.93 15.49
CA ALA B 53 22.13 31.14 15.60
C ALA B 53 21.45 30.21 16.61
N GLY B 54 22.23 29.44 17.36
CA GLY B 54 21.69 28.51 18.36
C GLY B 54 21.60 27.09 17.83
N TYR B 55 21.48 26.13 18.75
CA TYR B 55 21.31 24.72 18.37
C TYR B 55 19.93 24.55 17.71
N PRO B 56 19.86 23.69 16.67
CA PRO B 56 18.52 23.17 16.34
C PRO B 56 18.03 22.30 17.48
N VAL B 57 16.72 22.13 17.59
N VAL B 57 16.72 22.12 17.59
CA VAL B 57 16.13 21.52 18.77
CA VAL B 57 16.17 21.51 18.78
C VAL B 57 15.15 20.45 18.35
C VAL B 57 15.12 20.47 18.40
N VAL B 58 15.27 19.29 18.99
CA VAL B 58 14.33 18.19 18.78
C VAL B 58 13.59 17.90 20.08
N TRP B 59 12.32 18.26 20.09
CA TRP B 59 11.41 18.08 21.23
C TRP B 59 10.69 16.75 21.12
N MET B 60 10.74 15.94 22.17
CA MET B 60 10.18 14.58 22.13
C MET B 60 9.13 14.41 23.24
N LEU B 61 7.91 14.03 22.87
CA LEU B 61 6.90 13.65 23.85
C LEU B 61 7.20 12.28 24.44
N ASP B 62 6.41 11.86 25.41
CA ASP B 62 6.70 10.65 26.19
C ASP B 62 8.17 10.56 26.56
N GLY B 63 8.63 11.61 27.21
CA GLY B 63 10.05 11.81 27.37
C GLY B 63 10.75 10.71 28.12
N ASN B 64 10.07 10.11 29.11
CA ASN B 64 10.69 9.06 29.90
C ASN B 64 11.07 7.89 28.99
N ALA B 65 10.15 7.55 28.08
CA ALA B 65 10.40 6.50 27.08
C ALA B 65 11.43 6.91 26.03
N ALA B 66 11.37 8.16 25.60
CA ALA B 66 12.29 8.67 24.59
C ALA B 66 13.76 8.58 25.06
N VAL B 67 13.99 8.94 26.32
CA VAL B 67 15.34 8.85 26.88
C VAL B 67 15.87 7.42 26.89
N GLY B 68 15.00 6.45 27.13
CA GLY B 68 15.40 5.04 27.08
C GLY B 68 15.78 4.56 25.70
N ALA B 69 15.38 5.31 24.67
CA ALA B 69 15.62 4.95 23.27
C ALA B 69 16.76 5.74 22.64
N LEU B 70 17.40 6.61 23.42
CA LEU B 70 18.63 7.25 22.97
C LEU B 70 19.81 6.34 23.31
N ASP B 71 20.26 5.60 22.30
CA ASP B 71 21.44 4.79 22.43
C ASP B 71 22.74 5.62 22.28
N GLU B 72 23.81 5.06 22.79
CA GLU B 72 25.14 5.66 22.65
C GLU B 72 25.57 5.82 21.18
N SER B 73 25.17 4.91 20.31
CA SER B 73 25.55 5.02 18.90
C SER B 73 24.90 6.25 18.25
N THR B 74 23.60 6.39 18.48
CA THR B 74 22.87 7.56 18.01
C THR B 74 23.51 8.84 18.52
N LEU B 75 23.78 8.88 19.82
CA LEU B 75 24.36 10.08 20.45
C LEU B 75 25.71 10.44 19.83
N ARG B 76 26.56 9.45 19.59
N ARG B 76 26.56 9.44 19.62
CA ARG B 76 27.88 9.73 19.00
CA ARG B 76 27.86 9.66 18.97
C ARG B 76 27.75 10.28 17.58
C ARG B 76 27.62 10.37 17.65
N ARG B 77 26.84 9.72 16.79
CA ARG B 77 26.69 10.15 15.41
C ARG B 77 25.91 11.45 15.22
N LEU B 78 25.12 11.83 16.21
CA LEU B 78 24.50 13.16 16.22
C LEU B 78 25.55 14.25 16.28
N ALA B 79 26.70 13.95 16.87
CA ALA B 79 27.79 14.91 16.98
C ALA B 79 28.54 15.01 15.65
N ASP B 80 27.92 15.67 14.68
CA ASP B 80 28.43 15.77 13.34
C ASP B 80 28.85 17.21 12.99
N GLY B 81 28.91 18.06 14.01
CA GLY B 81 29.22 19.47 13.82
C GLY B 81 27.98 20.37 13.77
N ASP B 82 26.81 19.76 13.59
CA ASP B 82 25.54 20.47 13.78
C ASP B 82 24.57 19.67 14.66
N ALA B 83 25.07 19.27 15.82
CA ALA B 83 24.30 18.47 16.74
C ALA B 83 23.09 19.24 17.25
N PRO B 84 21.96 18.54 17.46
CA PRO B 84 20.80 19.20 18.04
C PRO B 84 20.84 19.19 19.57
N LEU B 85 20.15 20.15 20.15
CA LEU B 85 19.67 20.01 21.52
C LEU B 85 18.51 19.03 21.52
N LEU B 86 18.57 18.03 22.41
CA LEU B 86 17.48 17.08 22.59
C LEU B 86 16.69 17.47 23.84
N VAL B 87 15.37 17.56 23.72
CA VAL B 87 14.52 17.89 24.86
C VAL B 87 13.44 16.81 24.96
N ALA B 88 13.59 15.92 25.94
CA ALA B 88 12.60 14.89 26.17
C ALA B 88 11.62 15.37 27.25
N ILE B 89 10.36 15.57 26.86
CA ILE B 89 9.32 16.10 27.74
C ILE B 89 8.67 14.96 28.50
N GLY B 90 9.18 14.69 29.70
CA GLY B 90 8.71 13.59 30.48
C GLY B 90 7.98 14.02 31.72
N TYR B 91 7.62 13.03 32.52
CA TYR B 91 6.85 13.25 33.71
C TYR B 91 7.67 12.78 34.90
N ARG B 92 7.49 13.44 36.04
CA ARG B 92 8.30 13.14 37.21
C ARG B 92 7.88 11.81 37.82
N THR B 93 8.48 10.72 37.35
CA THR B 93 8.05 9.40 37.75
C THR B 93 9.07 8.39 37.28
N PRO B 94 9.28 7.33 38.07
CA PRO B 94 10.23 6.33 37.62
C PRO B 94 9.71 5.61 36.39
N LEU B 95 8.41 5.73 36.12
CA LEU B 95 7.77 4.94 35.05
C LEU B 95 8.27 5.40 33.70
N ARG B 96 8.32 4.46 32.76
CA ARG B 96 8.61 4.77 31.36
C ARG B 96 7.47 5.59 30.73
N ILE B 97 6.24 5.35 31.19
CA ILE B 97 5.06 6.02 30.64
C ILE B 97 4.13 6.48 31.77
N ASP B 98 3.56 7.67 31.61
CA ASP B 98 2.64 8.26 32.59
C ASP B 98 1.24 8.31 31.98
N ARG B 99 0.38 7.36 32.31
CA ARG B 99 -0.84 7.18 31.52
C ARG B 99 -1.82 8.34 31.69
N ALA B 100 -1.99 8.79 32.93
CA ALA B 100 -2.92 9.89 33.22
C ALA B 100 -2.47 11.20 32.54
N GLY B 101 -1.18 11.49 32.72
CA GLY B 101 -0.62 12.73 32.23
C GLY B 101 -0.74 12.83 30.73
N ARG B 102 -0.29 11.79 30.05
CA ARG B 102 -0.27 11.80 28.59
C ARG B 102 -1.67 11.75 28.01
N THR B 103 -2.58 11.05 28.67
CA THR B 103 -3.94 11.02 28.18
C THR B 103 -4.53 12.42 28.17
N PHE B 104 -4.28 13.22 29.20
CA PHE B 104 -4.79 14.59 29.21
C PHE B 104 -4.03 15.50 28.25
N ASP B 105 -2.71 15.43 28.30
CA ASP B 105 -1.86 16.40 27.62
C ASP B 105 -1.85 16.21 26.10
N TYR B 106 -2.07 15.00 25.61
CA TYR B 106 -1.81 14.72 24.21
C TYR B 106 -3.08 14.63 23.37
N THR B 107 -4.25 14.77 24.00
CA THR B 107 -5.53 14.58 23.30
C THR B 107 -6.25 15.90 23.08
N PRO B 108 -6.72 16.14 21.85
CA PRO B 108 -7.47 17.35 21.58
C PRO B 108 -8.75 17.31 22.37
N ALA B 109 -9.54 18.36 22.19
CA ALA B 109 -10.78 18.51 22.94
C ALA B 109 -11.99 18.30 22.01
N SER B 110 -12.88 17.39 22.40
CA SER B 110 -14.21 17.29 21.79
C SER B 110 -15.17 18.30 22.41
N PRO B 111 -15.41 19.43 21.73
CA PRO B 111 -16.30 20.42 22.32
C PRO B 111 -17.76 19.94 22.41
N GLY B 112 -18.03 18.70 22.00
CA GLY B 112 -19.30 18.04 22.29
C GLY B 112 -19.76 18.08 23.74
N GLN B 113 -18.79 18.07 24.66
CA GLN B 113 -19.09 18.23 26.09
C GLN B 113 -18.30 19.38 26.71
N ALA B 114 -18.55 19.64 27.99
CA ALA B 114 -17.60 20.36 28.83
C ALA B 114 -16.53 19.41 29.37
N ASP B 115 -16.98 18.40 30.11
CA ASP B 115 -16.08 17.43 30.70
C ASP B 115 -15.88 16.23 29.75
N GLN B 116 -14.63 16.04 29.34
CA GLN B 116 -14.29 14.94 28.44
C GLN B 116 -13.47 13.90 29.17
N ARG B 117 -13.65 12.65 28.75
CA ARG B 117 -12.81 11.57 29.22
C ARG B 117 -12.44 10.66 28.05
N ASP B 118 -11.31 9.98 28.20
CA ASP B 118 -10.78 9.13 27.14
C ASP B 118 -11.70 7.93 26.95
N PRO B 119 -12.20 7.74 25.72
CA PRO B 119 -13.09 6.61 25.45
C PRO B 119 -12.43 5.25 25.65
N LEU B 120 -11.10 5.23 25.83
CA LEU B 120 -10.38 3.98 25.98
C LEU B 120 -10.10 3.64 27.44
N ASN B 121 -9.47 4.56 28.18
CA ASN B 121 -9.12 4.30 29.58
C ASN B 121 -9.87 5.18 30.58
N GLY B 122 -10.73 6.08 30.09
CA GLY B 122 -11.67 6.83 30.94
C GLY B 122 -11.05 7.95 31.76
N LEU B 123 -9.75 8.18 31.55
CA LEU B 123 -9.04 9.25 32.24
C LEU B 123 -9.39 10.58 31.57
N PRO B 124 -9.20 11.71 32.28
CA PRO B 124 -9.59 12.97 31.68
C PRO B 124 -8.78 13.24 30.42
N SER B 125 -9.40 13.84 29.40
CA SER B 125 -8.72 14.14 28.15
C SER B 125 -9.03 15.57 27.72
N GLY B 126 -8.39 15.99 26.64
CA GLY B 126 -8.70 17.28 26.02
C GLY B 126 -7.73 18.41 26.33
N GLY B 127 -6.54 18.09 26.85
CA GLY B 127 -5.58 19.10 27.27
C GLY B 127 -4.48 19.44 26.28
N ALA B 128 -4.61 19.00 25.03
CA ALA B 128 -3.59 19.25 24.02
C ALA B 128 -3.18 20.72 23.91
N ASP B 129 -4.16 21.59 23.82
CA ASP B 129 -3.86 22.99 23.61
C ASP B 129 -3.17 23.63 24.81
N ALA B 130 -3.59 23.26 26.02
CA ALA B 130 -2.94 23.71 27.24
C ALA B 130 -1.50 23.24 27.32
N PHE B 131 -1.27 22.00 26.87
CA PHE B 131 0.09 21.44 26.82
C PHE B 131 0.97 22.20 25.81
N LEU B 132 0.46 22.42 24.61
CA LEU B 132 1.20 23.14 23.59
C LEU B 132 1.44 24.59 24.01
N ASP B 133 0.47 25.18 24.71
CA ASP B 133 0.64 26.51 25.27
C ASP B 133 1.76 26.56 26.33
N LEU B 134 1.82 25.52 27.16
CA LEU B 134 2.86 25.44 28.17
C LEU B 134 4.24 25.25 27.53
N LEU B 135 4.30 24.44 26.48
CA LEU B 135 5.54 24.29 25.73
C LEU B 135 6.03 25.66 25.26
N ARG B 136 5.14 26.43 24.65
CA ARG B 136 5.49 27.74 24.09
C ARG B 136 5.86 28.77 25.15
N ASP B 137 5.07 28.82 26.23
CA ASP B 137 5.10 29.94 27.16
C ASP B 137 5.93 29.66 28.41
N GLY B 138 6.23 28.39 28.67
CA GLY B 138 7.02 28.00 29.84
C GLY B 138 8.20 27.09 29.57
N MET B 139 7.99 26.05 28.77
CA MET B 139 9.07 25.09 28.51
C MET B 139 10.19 25.69 27.67
N ARG B 140 9.84 26.28 26.53
CA ARG B 140 10.85 26.87 25.65
C ARG B 140 11.62 27.98 26.35
N PRO B 141 10.92 28.84 27.10
CA PRO B 141 11.64 29.85 27.88
C PRO B 141 12.66 29.24 28.84
N ALA B 142 12.28 28.14 29.50
CA ALA B 142 13.20 27.48 30.45
C ALA B 142 14.38 26.86 29.74
N VAL B 143 14.08 26.13 28.65
CA VAL B 143 15.11 25.42 27.90
C VAL B 143 16.10 26.39 27.28
N ALA B 144 15.57 27.46 26.70
CA ALA B 144 16.38 28.47 26.02
C ALA B 144 17.37 29.12 26.98
N ALA B 145 17.01 29.21 28.26
CA ALA B 145 17.90 29.79 29.25
C ALA B 145 19.06 28.88 29.61
N GLN B 146 18.91 27.59 29.31
CA GLN B 146 19.94 26.59 29.60
C GLN B 146 20.88 26.41 28.43
N ALA B 147 20.37 26.54 27.21
CA ALA B 147 21.19 26.45 26.01
C ALA B 147 20.61 27.19 24.82
N PRO B 148 21.45 27.83 24.01
CA PRO B 148 20.92 28.73 23.00
C PRO B 148 20.20 27.96 21.91
N LEU B 149 18.99 28.38 21.58
CA LEU B 149 18.15 27.68 20.60
C LEU B 149 18.03 28.43 19.30
N ASP B 150 17.95 27.69 18.20
CA ASP B 150 17.60 28.26 16.92
C ASP B 150 16.11 28.01 16.71
N THR B 151 15.31 29.02 17.00
CA THR B 151 13.87 28.79 17.04
C THR B 151 13.27 28.53 15.66
N ALA B 152 14.02 28.78 14.59
CA ALA B 152 13.59 28.43 13.24
C ALA B 152 13.90 26.98 12.83
N ARG B 153 14.56 26.22 13.71
CA ARG B 153 15.00 24.86 13.39
C ARG B 153 14.55 23.89 14.49
N GLN B 154 13.25 23.82 14.70
CA GLN B 154 12.66 23.08 15.79
C GLN B 154 11.86 21.90 15.25
N THR B 155 11.99 20.75 15.90
CA THR B 155 11.28 19.54 15.54
C THR B 155 10.43 19.06 16.73
N LEU B 156 9.21 18.61 16.46
CA LEU B 156 8.34 18.07 17.49
C LEU B 156 7.95 16.64 17.13
N TRP B 157 8.28 15.71 18.00
CA TRP B 157 8.07 14.28 17.78
C TRP B 157 7.18 13.68 18.85
N GLY B 158 6.40 12.69 18.45
CA GLY B 158 5.66 11.89 19.39
C GLY B 158 5.18 10.59 18.78
N HIS B 159 4.89 9.65 19.67
CA HIS B 159 4.48 8.30 19.31
C HIS B 159 3.08 7.99 19.86
N SER B 160 2.20 7.42 19.04
CA SER B 160 0.90 6.94 19.51
C SER B 160 0.02 8.15 19.86
N TYR B 161 -0.43 8.26 21.11
CA TYR B 161 -1.14 9.47 21.53
C TYR B 161 -0.22 10.70 21.35
N GLY B 162 1.08 10.51 21.53
CA GLY B 162 2.02 11.59 21.25
C GLY B 162 1.99 12.01 19.79
N GLY B 163 1.85 11.05 18.89
CA GLY B 163 1.67 11.37 17.47
C GLY B 163 0.36 12.09 17.17
N LEU B 164 -0.70 11.70 17.87
CA LEU B 164 -1.96 12.41 17.80
C LEU B 164 -1.78 13.89 18.15
N LEU B 165 -1.05 14.13 19.24
N LEU B 165 -1.06 14.13 19.24
CA LEU B 165 -0.72 15.50 19.65
CA LEU B 165 -0.74 15.50 19.65
C LEU B 165 -0.01 16.24 18.53
C LEU B 165 -0.04 16.22 18.51
N VAL B 166 1.05 15.63 18.01
CA VAL B 166 1.83 16.23 16.96
C VAL B 166 0.95 16.64 15.77
N LEU B 167 0.05 15.75 15.36
CA LEU B 167 -0.86 16.08 14.25
C LEU B 167 -1.78 17.24 14.64
N HIS B 168 -2.26 17.25 15.89
CA HIS B 168 -3.08 18.38 16.36
C HIS B 168 -2.32 19.69 16.24
N ALA B 169 -1.03 19.66 16.61
CA ALA B 169 -0.20 20.84 16.54
C ALA B 169 -0.04 21.33 15.12
N LEU B 170 0.31 20.42 14.21
CA LEU B 170 0.45 20.80 12.80
C LEU B 170 -0.86 21.31 12.24
N PHE B 171 -1.94 20.58 12.50
CA PHE B 171 -3.21 20.89 11.81
C PHE B 171 -3.77 22.23 12.28
N THR B 172 -3.65 22.50 13.58
CA THR B 172 -4.34 23.67 14.17
C THR B 172 -3.43 24.87 14.45
N ARG B 173 -2.12 24.63 14.56
CA ARG B 173 -1.17 25.69 14.86
C ARG B 173 0.16 25.48 14.11
N PRO B 174 0.08 25.43 12.77
CA PRO B 174 1.23 25.14 11.96
C PRO B 174 2.22 26.27 12.05
N GLY B 175 3.52 25.93 12.09
CA GLY B 175 4.57 26.94 12.05
C GLY B 175 5.22 27.21 13.39
N GLU B 176 4.65 26.67 14.47
CA GLU B 176 5.35 26.63 15.76
C GLU B 176 6.67 25.87 15.63
N PHE B 177 6.65 24.81 14.81
CA PHE B 177 7.83 23.97 14.54
C PHE B 177 8.06 23.89 13.05
N ALA B 178 9.31 23.66 12.69
CA ALA B 178 9.68 23.47 11.30
C ALA B 178 9.35 22.05 10.81
N ARG B 179 9.53 21.08 11.69
CA ARG B 179 9.38 19.68 11.35
C ARG B 179 8.56 18.97 12.42
N TYR B 180 7.52 18.28 11.98
CA TYR B 180 6.56 17.59 12.84
C TYR B 180 6.69 16.09 12.56
N ALA B 181 6.80 15.27 13.59
CA ALA B 181 7.18 13.88 13.43
C ALA B 181 6.25 13.01 14.24
N ALA B 182 5.37 12.30 13.55
CA ALA B 182 4.34 11.51 14.21
C ALA B 182 4.54 10.03 13.91
N ALA B 183 4.85 9.25 14.95
CA ALA B 183 5.09 7.82 14.79
C ALA B 183 3.86 7.07 15.28
N SER B 184 3.28 6.24 14.40
CA SER B 184 2.12 5.44 14.76
C SER B 184 1.06 6.30 15.47
N PRO B 185 0.76 7.48 14.90
CA PRO B 185 -0.25 8.35 15.48
C PRO B 185 -1.57 7.62 15.61
N SER B 186 -2.27 7.87 16.71
CA SER B 186 -3.48 7.13 17.02
C SER B 186 -4.70 7.71 16.27
N LEU B 187 -4.70 7.49 14.96
CA LEU B 187 -5.70 8.09 14.08
C LEU B 187 -7.12 7.62 14.43
N TRP B 188 -7.20 6.42 15.00
CA TRP B 188 -8.45 5.82 15.45
C TRP B 188 -9.18 6.60 16.56
N TRP B 189 -8.46 7.48 17.25
CA TRP B 189 -8.99 8.15 18.44
C TRP B 189 -10.32 8.85 18.18
N ARG B 190 -11.31 8.55 19.02
CA ARG B 190 -12.64 9.16 18.91
C ARG B 190 -13.19 9.02 17.50
N ASP B 191 -13.13 7.80 16.98
CA ASP B 191 -13.61 7.50 15.63
C ASP B 191 -13.04 8.44 14.58
N GLY B 192 -11.75 8.72 14.66
CA GLY B 192 -11.07 9.51 13.66
C GLY B 192 -11.25 11.00 13.77
N ALA B 193 -11.53 11.49 14.97
CA ALA B 193 -11.75 12.93 15.19
C ALA B 193 -10.59 13.79 14.70
N ILE B 194 -9.37 13.28 14.80
CA ILE B 194 -8.20 14.08 14.41
C ILE B 194 -8.25 14.43 12.92
N LEU B 195 -8.83 13.54 12.13
CA LEU B 195 -8.86 13.71 10.68
C LEU B 195 -9.60 14.98 10.28
N GLY B 196 -10.64 15.34 11.02
CA GLY B 196 -11.44 16.53 10.75
C GLY B 196 -10.71 17.84 10.95
N GLU B 197 -9.71 17.80 11.82
CA GLU B 197 -8.97 19.01 12.13
C GLU B 197 -8.09 19.50 10.98
N ARG B 198 -7.90 18.67 9.97
CA ARG B 198 -7.12 19.06 8.80
C ARG B 198 -7.82 20.12 7.94
N ALA B 199 -9.13 20.26 8.07
CA ALA B 199 -9.87 21.24 7.26
C ALA B 199 -9.31 22.65 7.47
N GLY B 200 -8.92 23.32 6.38
CA GLY B 200 -8.42 24.68 6.46
C GLY B 200 -6.92 24.77 6.64
N LEU B 201 -6.24 23.63 6.66
CA LEU B 201 -4.78 23.63 6.86
C LEU B 201 -4.03 24.43 5.81
N GLU B 202 -4.39 24.28 4.55
CA GLU B 202 -3.66 24.98 3.50
C GLU B 202 -3.70 26.49 3.74
N GLN B 203 -4.86 27.00 4.15
CA GLN B 203 -5.02 28.42 4.49
C GLN B 203 -4.20 28.79 5.71
N ARG B 204 -4.23 27.96 6.75
CA ARG B 204 -3.46 28.26 7.96
C ARG B 204 -1.95 28.19 7.72
N LEU B 205 -1.54 27.45 6.70
CA LEU B 205 -0.13 27.30 6.34
C LEU B 205 0.41 28.40 5.44
N ARG B 206 -0.49 29.28 4.98
CA ARG B 206 -0.11 30.36 4.07
C ARG B 206 1.09 31.09 4.62
N GLY B 207 2.12 31.27 3.78
CA GLY B 207 3.32 32.00 4.16
C GLY B 207 4.25 31.23 5.08
N LYS B 208 3.95 29.95 5.31
CA LYS B 208 4.82 29.09 6.11
C LYS B 208 5.21 27.82 5.36
N ARG B 209 6.33 27.24 5.78
CA ARG B 209 6.71 25.90 5.39
C ARG B 209 6.67 24.99 6.61
N ALA B 210 6.22 23.76 6.38
CA ALA B 210 6.28 22.71 7.38
C ALA B 210 6.64 21.40 6.70
N GLU B 211 7.27 20.53 7.48
CA GLU B 211 7.62 19.19 7.05
C GLU B 211 6.94 18.26 8.04
N LEU B 212 6.26 17.24 7.52
CA LEU B 212 5.65 16.21 8.34
C LEU B 212 6.26 14.85 8.00
N LEU B 213 6.72 14.16 9.05
CA LEU B 213 7.26 12.82 8.97
C LEU B 213 6.29 11.88 9.63
N LEU B 214 5.97 10.78 8.93
CA LEU B 214 5.07 9.78 9.45
C LEU B 214 5.74 8.41 9.42
N TRP B 215 5.46 7.61 10.45
CA TRP B 215 5.84 6.20 10.48
C TRP B 215 4.62 5.38 10.88
N ARG B 216 4.61 4.13 10.45
CA ARG B 216 3.68 3.15 10.96
C ARG B 216 4.30 1.79 10.74
N GLY B 217 4.10 0.87 11.67
CA GLY B 217 4.63 -0.48 11.52
C GLY B 217 3.62 -1.37 10.85
N SER B 218 4.10 -2.20 9.92
CA SER B 218 3.26 -3.05 9.10
C SER B 218 2.49 -4.09 9.94
N ALA B 219 2.99 -4.40 11.13
CA ALA B 219 2.35 -5.40 12.00
C ALA B 219 1.30 -4.81 12.92
N GLU B 220 1.10 -3.50 12.88
CA GLU B 220 0.19 -2.84 13.80
C GLU B 220 -1.25 -3.12 13.43
N PRO B 221 -2.10 -3.36 14.43
CA PRO B 221 -3.54 -3.36 14.20
C PRO B 221 -4.07 -1.97 13.92
N ALA B 222 -5.30 -1.90 13.44
CA ALA B 222 -5.98 -0.64 13.14
C ALA B 222 -6.25 0.18 14.41
N SER B 223 -6.42 -0.51 15.53
CA SER B 223 -6.59 0.12 16.83
C SER B 223 -6.37 -0.94 17.91
N PRO B 224 -6.21 -0.51 19.16
CA PRO B 224 -5.92 -1.48 20.22
C PRO B 224 -7.12 -2.38 20.58
N ARG B 225 -8.31 -1.95 20.17
CA ARG B 225 -9.52 -2.76 20.29
C ARG B 225 -10.44 -2.47 19.09
N GLY B 226 -10.01 -2.94 17.92
CA GLY B 226 -10.63 -2.53 16.65
C GLY B 226 -11.57 -3.57 16.08
N GLU B 231 -9.41 -1.65 9.59
CA GLU B 231 -8.65 -2.15 8.43
C GLU B 231 -7.22 -1.59 8.41
N PRO B 232 -6.25 -2.38 8.92
CA PRO B 232 -4.93 -1.85 9.25
C PRO B 232 -4.23 -1.13 8.11
N GLY B 233 -3.84 0.11 8.35
CA GLY B 233 -3.03 0.84 7.40
C GLY B 233 -3.83 1.77 6.49
N GLN B 234 -5.13 1.51 6.39
CA GLN B 234 -5.97 2.22 5.43
C GLN B 234 -6.07 3.68 5.82
N ALA B 235 -6.34 3.94 7.10
CA ALA B 235 -6.45 5.30 7.63
C ALA B 235 -5.20 6.11 7.31
N MET B 236 -4.05 5.51 7.59
CA MET B 236 -2.76 6.17 7.38
C MET B 236 -2.59 6.46 5.89
N ALA B 237 -2.87 5.45 5.08
CA ALA B 237 -2.68 5.60 3.66
C ALA B 237 -3.54 6.76 3.10
N ARG B 238 -4.79 6.85 3.56
CA ARG B 238 -5.68 7.92 3.10
C ARG B 238 -5.21 9.27 3.59
N LEU B 239 -4.70 9.33 4.82
CA LEU B 239 -4.16 10.58 5.34
C LEU B 239 -2.95 11.05 4.55
N VAL B 240 -2.04 10.14 4.26
CA VAL B 240 -0.86 10.45 3.48
C VAL B 240 -1.28 10.98 2.10
N ASP B 241 -2.18 10.27 1.44
CA ASP B 241 -2.66 10.69 0.13
C ASP B 241 -3.25 12.10 0.16
N ASP B 242 -4.02 12.40 1.20
CA ASP B 242 -4.65 13.73 1.37
C ASP B 242 -3.59 14.82 1.58
N LEU B 243 -2.68 14.57 2.53
CA LEU B 243 -1.68 15.59 2.89
C LEU B 243 -0.65 15.86 1.79
N ARG B 244 -0.46 14.88 0.90
CA ARG B 244 0.43 15.05 -0.25
C ARG B 244 -0.10 16.16 -1.16
N ARG B 245 -1.38 16.50 -1.00
CA ARG B 245 -2.00 17.51 -1.87
C ARG B 245 -1.90 18.93 -1.33
N VAL B 246 -1.32 19.08 -0.14
CA VAL B 246 -1.32 20.33 0.58
C VAL B 246 -0.08 21.13 0.21
N ALA B 247 -0.32 22.24 -0.47
CA ALA B 247 0.75 23.13 -0.89
C ALA B 247 1.46 23.69 0.32
N GLY B 248 2.78 23.66 0.30
CA GLY B 248 3.58 24.20 1.40
C GLY B 248 3.95 23.16 2.43
N LEU B 249 3.39 21.96 2.33
CA LEU B 249 3.71 20.88 3.27
C LEU B 249 4.57 19.81 2.58
N THR B 250 5.75 19.55 3.13
CA THR B 250 6.61 18.46 2.69
C THR B 250 6.30 17.25 3.55
N LEU B 251 6.01 16.12 2.91
CA LEU B 251 5.52 14.95 3.60
C LEU B 251 6.45 13.77 3.31
N ASP B 252 6.82 13.03 4.35
CA ASP B 252 7.68 11.85 4.21
C ASP B 252 7.08 10.73 5.05
N PHE B 253 6.48 9.75 4.39
CA PHE B 253 5.95 8.57 5.07
C PHE B 253 6.95 7.44 4.94
N GLN B 254 7.29 6.84 6.08
CA GLN B 254 8.22 5.73 6.13
C GLN B 254 7.54 4.55 6.81
N PRO B 255 7.11 3.55 6.02
CA PRO B 255 6.60 2.33 6.62
C PRO B 255 7.71 1.48 7.21
N LEU B 256 7.41 0.85 8.35
CA LEU B 256 8.38 0.09 9.10
C LEU B 256 7.96 -1.38 9.06
N ASP B 257 8.59 -2.08 8.13
CA ASP B 257 8.25 -3.46 7.81
C ASP B 257 8.53 -4.36 9.01
N GLY B 258 7.49 -5.07 9.43
CA GLY B 258 7.64 -6.07 10.49
C GLY B 258 7.41 -5.56 11.90
N LEU B 259 7.30 -4.25 12.07
CA LEU B 259 7.21 -3.70 13.43
C LEU B 259 5.78 -3.59 13.91
N GLY B 260 5.62 -3.84 15.20
CA GLY B 260 4.37 -3.55 15.89
C GLY B 260 4.40 -2.21 16.59
N HIS B 261 3.29 -1.93 17.26
CA HIS B 261 3.02 -0.59 17.80
C HIS B 261 4.10 -0.07 18.73
N GLY B 262 4.47 -0.89 19.72
CA GLY B 262 5.48 -0.51 20.68
C GLY B 262 6.83 -0.22 20.03
N GLU B 263 7.17 -1.03 19.04
CA GLU B 263 8.51 -0.99 18.48
C GLU B 263 8.76 0.21 17.58
N THR B 264 7.69 0.86 17.11
CA THR B 264 7.86 2.01 16.24
C THR B 264 8.35 3.23 17.01
N LEU B 265 8.17 3.25 18.32
CA LEU B 265 8.61 4.40 19.11
C LEU B 265 10.12 4.58 19.00
N GLY B 266 10.86 3.57 19.43
CA GLY B 266 12.31 3.62 19.34
C GLY B 266 12.83 3.76 17.91
N ALA B 267 12.22 3.01 17.00
CA ALA B 267 12.66 3.01 15.62
C ALA B 267 12.53 4.40 15.01
N SER B 268 11.37 5.01 15.20
CA SER B 268 11.12 6.32 14.59
C SER B 268 12.07 7.35 15.18
N LEU B 269 12.32 7.27 16.48
CA LEU B 269 13.19 8.25 17.13
C LEU B 269 14.63 8.11 16.65
N ARG B 270 15.13 6.89 16.56
CA ARG B 270 16.48 6.68 16.01
C ARG B 270 16.57 7.17 14.58
N LEU B 271 15.56 6.89 13.78
CA LEU B 271 15.57 7.32 12.39
C LEU B 271 15.47 8.84 12.27
N LEU B 272 14.61 9.43 13.07
CA LEU B 272 14.48 10.90 13.05
C LEU B 272 15.83 11.56 13.35
N LEU B 273 16.48 11.08 14.39
CA LEU B 273 17.72 11.70 14.86
C LEU B 273 18.88 11.45 13.89
N ALA B 274 18.72 10.46 13.02
CA ALA B 274 19.70 10.22 11.96
C ALA B 274 19.49 11.06 10.70
N ARG B 275 18.31 11.70 10.58
CA ARG B 275 18.02 12.57 9.44
C ARG B 275 18.95 13.78 9.46
N PRO B 276 19.18 14.38 8.29
CA PRO B 276 19.70 15.74 8.23
C PRO B 276 18.87 16.68 9.12
N ALA B 277 19.53 17.61 9.79
CA ALA B 277 18.82 18.59 10.62
C ALA B 277 17.98 19.50 9.73
N VAL B 278 16.92 20.07 10.32
CA VAL B 278 16.13 21.04 9.60
C VAL B 278 17.04 22.15 9.08
N GLU B 279 16.84 22.49 7.80
CA GLU B 279 17.76 23.38 7.08
C GLU B 279 17.70 24.80 7.61
N ARG B 280 18.85 25.48 7.61
CA ARG B 280 18.90 26.94 7.68
C ARG B 280 18.33 27.56 6.40
FE FE C . 2.37 -30.37 -21.02
OAM 8SW D . 0.47 -29.46 -22.12
CBS 8SW D . -0.48 -30.29 -22.65
CBP 8SW D . -0.40 -31.62 -22.27
OAJ 8SW D . 0.61 -31.91 -21.40
CAT 8SW D . -1.30 -32.55 -22.77
CAQ 8SW D . -2.26 -32.12 -23.67
CAW 8SW D . -2.33 -30.78 -24.07
CBV 8SW D . -1.44 -29.82 -23.56
CBK 8SW D . -1.53 -28.47 -23.99
OAE 8SW D . -2.42 -28.14 -24.79
NBG 8SW D . -0.59 -27.61 -23.52
CBX 8SW D . -0.46 -26.20 -24.00
CBL 8SW D . 0.90 -26.05 -24.73
OAF 8SW D . 1.85 -26.77 -24.44
NBB 8SW D . 0.96 -25.11 -25.69
CAX 8SW D . 2.21 -24.79 -26.41
CAN 8SW D . 2.56 -25.87 -27.41
CAA 8SW D . 3.06 -26.70 -28.19
CBA 8SW D . -0.52 -25.19 -22.82
NBE 8SW D . 0.68 -25.32 -21.95
C 8SW D . 1.32 -24.25 -21.39
O 8SW D . 1.02 -23.09 -21.61
CA 8SW D . 2.55 -24.55 -20.49
N 8SW D . 2.48 -25.87 -19.79
CBJ 8SW D . 2.49 -26.00 -18.41
OAD 8SW D . 2.52 -25.04 -17.64
CBU 8SW D . 2.30 -27.31 -17.87
CAV 8SW D . 1.91 -27.44 -16.54
CAP 8SW D . 1.64 -28.68 -15.95
CAS 8SW D . 1.78 -29.85 -16.70
CBO 8SW D . 2.17 -29.75 -18.03
OAI 8SW D . 2.32 -30.83 -18.84
CBR 8SW D . 2.42 -28.51 -18.60
OAL 8SW D . 2.77 -28.48 -19.92
CB 8SW D . 3.82 -24.37 -21.36
NBD 8SW D . 3.97 -25.39 -22.43
CBH 8SW D . 4.75 -25.21 -23.52
OAB 8SW D . 5.27 -24.12 -23.80
CAY 8SW D . 4.94 -26.42 -24.45
NBC 8SW D . 5.17 -27.66 -23.68
CBI 8SW D . 6.39 -28.20 -23.50
OAC 8SW D . 7.42 -27.67 -23.91
CBT 8SW D . 6.48 -29.28 -22.60
CAU 8SW D . 7.73 -29.68 -22.12
CAO 8SW D . 7.85 -30.71 -21.16
CAR 8SW D . 6.73 -31.35 -20.65
CBN 8SW D . 5.47 -30.95 -21.11
OAH 8SW D . 4.30 -31.48 -20.66
CBQ 8SW D . 5.36 -29.94 -22.06
OAK 8SW D . 4.09 -29.58 -22.41
FE FE E . -1.98 -1.48 22.77
OAM 8SW F . -0.14 -0.58 23.38
CBS 8SW F . 0.97 -1.36 23.21
CBP 8SW F . 0.78 -2.64 22.73
OAJ 8SW F . -0.50 -3.01 22.48
CAT 8SW F . 1.88 -3.48 22.54
CAQ 8SW F . 3.15 -3.00 22.83
CAW 8SW F . 3.33 -1.70 23.31
CBV 8SW F . 2.24 -0.84 23.47
CBK 8SW F . 2.42 0.45 24.00
OAE 8SW F . 3.41 0.69 24.69
NBG 8SW F . 1.44 1.34 23.78
CBX 8SW F . 1.45 2.66 24.45
CBL 8SW F . 0.64 2.55 25.75
OAF 8SW F . -0.36 1.82 25.83
NBB 8SW F . 1.11 3.28 26.77
CAX 8SW F . 0.48 3.30 28.10
CAN 8SW F . 0.68 1.98 28.77
CAA 8SW F . 1.15 1.13 29.49
CBA 8SW F . 0.85 3.75 23.55
NBE 8SW F . -0.59 3.53 23.32
C 8SW F . -1.52 4.51 23.44
O 8SW F . -1.25 5.68 23.69
CA 8SW F . -2.92 4.15 22.94
N 8SW F . -2.86 2.94 22.10
CBJ 8SW F . -2.49 3.04 20.80
OAD 8SW F . -2.22 4.09 20.24
CBU 8SW F . -2.42 1.84 20.09
CAV 8SW F . -2.41 1.87 18.69
CAP 8SW F . -2.28 0.70 17.96
CAS 8SW F . -2.17 -0.53 18.61
CBO 8SW F . -2.15 -0.56 20.00
OAI 8SW F . -2.04 -1.71 20.74
CBR 8SW F . -2.26 0.62 20.72
OAL 8SW F . -2.26 0.56 22.08
CB 8SW F . -3.92 3.98 24.11
NBD 8SW F . -3.43 3.02 25.11
CBH 8SW F . -3.32 3.37 26.41
OAB 8SW F . -3.44 4.53 26.82
CAY 8SW F . -2.93 2.24 27.40
NBC 8SW F . -3.22 0.88 26.90
CBI 8SW F . -4.42 0.49 26.43
OAC 8SW F . -5.28 1.25 25.98
CBT 8SW F . -4.47 -0.87 26.15
CAU 8SW F . -5.11 -1.76 27.00
CAO 8SW F . -5.13 -3.13 26.69
CAR 8SW F . -4.49 -3.60 25.54
CBN 8SW F . -3.83 -2.70 24.71
OAH 8SW F . -3.17 -3.04 23.56
CBQ 8SW F . -3.83 -1.35 25.02
OAK 8SW F . -3.19 -0.49 24.19
#